data_4Q6G
#
_entry.id   4Q6G
#
_cell.length_a   105.031
_cell.length_b   105.031
_cell.length_c   70.731
_cell.angle_alpha   90.00
_cell.angle_beta   90.00
_cell.angle_gamma   120.00
#
_symmetry.space_group_name_H-M   'P 64'
#
loop_
_entity.id
_entity.type
_entity.pdbx_description
1 polymer 'Pyrrolysine--tRNA ligase'
2 non-polymer 'PHOSPHOAMINOPHOSPHONIC ACID-ADENYLATE ESTER'
3 non-polymer 1,2-ETHANEDIOL
4 non-polymer N(6)-ACETYLLYSINE
5 water water
#
_entity_poly.entity_id   1
_entity_poly.type   'polypeptide(L)'
_entity_poly.pdbx_seq_one_letter_code
;PALTKSQTDRLEVLLNPKDEISLNSGKPFRELESELLSRRKKDLQQIYAEERENYLGKLEREITRFFVDRGFLEIKSPIL
IPLEYIERMGIDNDTELSKQIFRVDKNFCLRPMVAPNIFNYARKLDRALPDPIKIFEIGPCYRKESDGKEHLEEFTMLNF
FQMGSGCTRENLESIITDFLNHLGIDFKIVGDSCSVYGDTLDVMHGDLELSSAVVGPIPLDREWGIDKPWIGAGFGLERL
LKVKHDFKNIKRAARSESYYNGISTNL
;
_entity_poly.pdbx_strand_id   A
#
loop_
_chem_comp.id
_chem_comp.type
_chem_comp.name
_chem_comp.formula
ANP non-polymer 'PHOSPHOAMINOPHOSPHONIC ACID-ADENYLATE ESTER' 'C10 H17 N6 O12 P3'
EDO non-polymer 1,2-ETHANEDIOL 'C2 H6 O2'
#
# COMPACT_ATOMS: atom_id res chain seq x y z
N PRO A 1 -35.50 -17.22 14.87
CA PRO A 1 -34.85 -16.48 15.95
C PRO A 1 -33.75 -15.54 15.45
N ALA A 2 -33.21 -14.74 16.35
CA ALA A 2 -32.13 -13.81 16.04
C ALA A 2 -30.85 -14.55 15.65
N LEU A 3 -30.06 -13.93 14.76
CA LEU A 3 -28.73 -14.43 14.40
C LEU A 3 -27.78 -14.28 15.56
N THR A 4 -26.92 -15.27 15.77
CA THR A 4 -25.86 -15.15 16.76
C THR A 4 -24.74 -14.29 16.19
N LYS A 5 -23.87 -13.81 17.07
CA LYS A 5 -22.72 -13.01 16.66
C LYS A 5 -21.81 -13.84 15.73
N SER A 6 -21.60 -15.11 16.08
CA SER A 6 -20.81 -16.03 15.27
CA SER A 6 -20.79 -16.01 15.26
C SER A 6 -21.38 -16.16 13.86
N GLN A 7 -22.70 -16.32 13.79
CA GLN A 7 -23.39 -16.45 12.52
C GLN A 7 -23.26 -15.18 11.68
N THR A 8 -23.45 -14.03 12.32
CA THR A 8 -23.31 -12.75 11.66
C THR A 8 -21.89 -12.55 11.13
N ASP A 9 -20.89 -12.92 11.93
CA ASP A 9 -19.50 -12.92 11.46
C ASP A 9 -19.33 -13.77 10.20
N ARG A 10 -19.94 -14.96 10.22
CA ARG A 10 -19.87 -15.86 9.08
C ARG A 10 -20.49 -15.24 7.82
N LEU A 11 -21.64 -14.61 7.98
CA LEU A 11 -22.30 -13.98 6.85
C LEU A 11 -21.52 -12.77 6.34
N GLU A 12 -20.91 -12.04 7.26
CA GLU A 12 -20.12 -10.86 6.90
C GLU A 12 -18.89 -11.23 6.08
N VAL A 13 -18.30 -12.38 6.37
CA VAL A 13 -17.21 -12.92 5.56
C VAL A 13 -17.67 -13.07 4.11
N LEU A 14 -18.93 -13.47 3.92
CA LEU A 14 -19.50 -13.69 2.60
C LEU A 14 -20.15 -12.46 1.99
N LEU A 15 -20.31 -11.41 2.79
CA LEU A 15 -20.90 -10.17 2.34
CA LEU A 15 -20.91 -10.16 2.32
C LEU A 15 -19.90 -9.38 1.51
N ASN A 16 -20.36 -8.83 0.40
CA ASN A 16 -19.57 -7.89 -0.39
C ASN A 16 -20.23 -6.52 -0.31
N PRO A 17 -19.45 -5.44 -0.50
CA PRO A 17 -20.00 -4.08 -0.43
C PRO A 17 -21.17 -3.84 -1.39
N LYS A 18 -21.13 -4.49 -2.55
CA LYS A 18 -22.19 -4.43 -3.56
C LYS A 18 -23.56 -4.89 -3.05
N ASP A 19 -23.55 -5.92 -2.21
CA ASP A 19 -24.78 -6.57 -1.73
C ASP A 19 -25.71 -5.60 -1.02
N GLU A 20 -27.02 -5.82 -1.21
CA GLU A 20 -28.05 -5.08 -0.49
C GLU A 20 -28.99 -6.06 0.21
N ILE A 21 -28.40 -6.93 1.03
CA ILE A 21 -29.16 -7.91 1.81
C ILE A 21 -29.25 -7.47 3.26
N SER A 22 -30.48 -7.29 3.75
CA SER A 22 -30.73 -6.91 5.14
C SER A 22 -30.61 -8.14 6.04
N LEU A 23 -29.75 -8.04 7.05
CA LEU A 23 -29.60 -9.11 8.04
C LEU A 23 -30.76 -9.11 9.04
N ASN A 24 -31.42 -7.96 9.20
CA ASN A 24 -32.71 -7.88 9.89
C ASN A 24 -33.81 -8.32 8.92
N SER A 25 -34.06 -9.64 8.89
CA SER A 25 -34.94 -10.26 7.91
C SER A 25 -35.76 -11.38 8.55
N GLY A 26 -36.71 -11.91 7.80
CA GLY A 26 -37.52 -13.06 8.26
C GLY A 26 -37.02 -14.38 7.73
N LYS A 27 -35.69 -14.55 7.71
CA LYS A 27 -35.06 -15.75 7.14
C LYS A 27 -33.93 -16.28 8.02
N PRO A 28 -33.85 -17.61 8.17
CA PRO A 28 -32.83 -18.21 9.02
C PRO A 28 -31.41 -18.10 8.46
N PHE A 29 -30.43 -18.28 9.34
CA PHE A 29 -29.02 -18.27 8.98
C PHE A 29 -28.72 -19.11 7.74
N ARG A 30 -29.24 -20.34 7.75
CA ARG A 30 -28.97 -21.32 6.70
C ARG A 30 -29.32 -20.85 5.30
N GLU A 31 -30.40 -20.07 5.18
CA GLU A 31 -30.84 -19.57 3.88
C GLU A 31 -30.05 -18.35 3.46
N LEU A 32 -29.77 -17.47 4.42
CA LEU A 32 -28.96 -16.29 4.17
C LEU A 32 -27.57 -16.73 3.71
N GLU A 33 -27.02 -17.76 4.37
CA GLU A 33 -25.70 -18.27 4.03
C GLU A 33 -25.69 -18.88 2.64
N SER A 34 -26.68 -19.72 2.35
CA SER A 34 -26.77 -20.38 1.06
CA SER A 34 -26.80 -20.39 1.07
C SER A 34 -26.85 -19.38 -0.08
N GLU A 35 -27.63 -18.32 0.13
CA GLU A 35 -27.79 -17.25 -0.85
C GLU A 35 -26.46 -16.54 -1.13
N LEU A 36 -25.77 -16.18 -0.05
CA LEU A 36 -24.50 -15.47 -0.16
C LEU A 36 -23.40 -16.35 -0.76
N LEU A 37 -23.39 -17.62 -0.40
CA LEU A 37 -22.48 -18.59 -1.00
C LEU A 37 -22.69 -18.71 -2.50
N SER A 38 -23.96 -18.72 -2.91
CA SER A 38 -24.29 -18.81 -4.32
C SER A 38 -23.79 -17.58 -5.07
N ARG A 39 -24.04 -16.40 -4.51
CA ARG A 39 -23.59 -15.14 -5.10
C ARG A 39 -22.09 -15.07 -5.23
N ARG A 40 -21.38 -15.44 -4.17
CA ARG A 40 -19.92 -15.36 -4.16
C ARG A 40 -19.30 -16.34 -5.15
N LYS A 41 -19.88 -17.54 -5.23
CA LYS A 41 -19.47 -18.51 -6.25
C LYS A 41 -19.63 -17.94 -7.66
N LYS A 42 -20.75 -17.25 -7.90
CA LYS A 42 -21.01 -16.61 -9.19
C LYS A 42 -20.01 -15.49 -9.48
N ASP A 43 -19.64 -14.72 -8.46
CA ASP A 43 -18.62 -13.68 -8.60
C ASP A 43 -17.27 -14.27 -9.09
N LEU A 44 -16.84 -15.37 -8.48
CA LEU A 44 -15.60 -16.03 -8.88
C LEU A 44 -15.67 -16.64 -10.28
N GLN A 45 -16.82 -17.22 -10.60
CA GLN A 45 -17.07 -17.75 -11.94
C GLN A 45 -16.99 -16.67 -13.02
N GLN A 46 -17.56 -15.50 -12.74
CA GLN A 46 -17.50 -14.38 -13.68
C GLN A 46 -16.06 -13.91 -13.90
N ILE A 47 -15.30 -13.79 -12.81
CA ILE A 47 -13.88 -13.43 -12.91
C ILE A 47 -13.15 -14.46 -13.74
N TYR A 48 -13.40 -15.74 -13.45
CA TYR A 48 -12.69 -16.83 -14.13
C TYR A 48 -12.99 -16.87 -15.64
N ALA A 49 -14.22 -16.55 -15.99
CA ALA A 49 -14.69 -16.63 -17.37
C ALA A 49 -14.25 -15.40 -18.15
N GLU A 50 -14.20 -14.24 -17.49
CA GLU A 50 -13.89 -12.99 -18.16
C GLU A 50 -12.46 -12.49 -17.90
N GLU A 51 -12.22 -11.71 -16.86
CA GLU A 51 -10.92 -11.01 -16.76
C GLU A 51 -9.75 -11.87 -16.26
N ARG A 52 -9.96 -12.61 -15.18
CA ARG A 52 -8.94 -13.49 -14.62
C ARG A 52 -7.73 -12.80 -13.96
N GLU A 53 -7.83 -11.50 -13.69
CA GLU A 53 -6.72 -10.75 -13.12
C GLU A 53 -6.88 -10.54 -11.62
N ASN A 54 -5.78 -10.66 -10.90
CA ASN A 54 -5.78 -10.35 -9.48
C ASN A 54 -5.78 -8.84 -9.29
N TYR A 55 -6.53 -8.35 -8.32
CA TYR A 55 -6.60 -6.92 -8.05
C TYR A 55 -5.26 -6.29 -7.70
N LEU A 56 -4.49 -6.96 -6.85
CA LEU A 56 -3.20 -6.43 -6.41
CA LEU A 56 -3.19 -6.43 -6.41
C LEU A 56 -2.22 -6.38 -7.58
N GLY A 57 -2.23 -7.43 -8.40
CA GLY A 57 -1.38 -7.49 -9.57
C GLY A 57 -1.79 -6.45 -10.60
N LYS A 58 -3.09 -6.38 -10.86
CA LYS A 58 -3.63 -5.42 -11.81
C LYS A 58 -3.36 -3.98 -11.37
N LEU A 59 -3.57 -3.67 -10.10
CA LEU A 59 -3.30 -2.34 -9.60
C LEU A 59 -1.82 -1.98 -9.79
N GLU A 60 -0.93 -2.90 -9.47
CA GLU A 60 0.50 -2.70 -9.71
C GLU A 60 0.78 -2.38 -11.19
N ARG A 61 0.16 -3.10 -12.10
CA ARG A 61 0.40 -2.84 -13.51
C ARG A 61 -0.11 -1.45 -13.92
N GLU A 62 -1.29 -1.08 -13.42
CA GLU A 62 -1.87 0.23 -13.70
C GLU A 62 -1.03 1.39 -13.15
N ILE A 63 -0.51 1.21 -11.93
CA ILE A 63 0.34 2.21 -11.31
C ILE A 63 1.66 2.33 -12.07
N THR A 64 2.22 1.17 -12.44
CA THR A 64 3.45 1.09 -13.20
C THR A 64 3.33 1.88 -14.51
N ARG A 65 2.26 1.66 -15.25
CA ARG A 65 2.04 2.37 -16.50
C ARG A 65 1.94 3.89 -16.28
N PHE A 66 1.26 4.30 -15.21
CA PHE A 66 1.12 5.70 -14.86
C PHE A 66 2.48 6.36 -14.68
N PHE A 67 3.35 5.72 -13.90
CA PHE A 67 4.64 6.34 -13.59
C PHE A 67 5.66 6.25 -14.71
N VAL A 68 5.63 5.15 -15.46
CA VAL A 68 6.48 5.02 -16.63
C VAL A 68 6.13 6.10 -17.67
N ASP A 69 4.83 6.34 -17.87
CA ASP A 69 4.37 7.37 -18.80
C ASP A 69 4.75 8.79 -18.36
N ARG A 70 4.84 9.02 -17.05
CA ARG A 70 5.22 10.33 -16.49
CA ARG A 70 5.20 10.35 -16.53
C ARG A 70 6.73 10.53 -16.42
N GLY A 71 7.52 9.59 -16.95
CA GLY A 71 8.97 9.74 -16.97
C GLY A 71 9.76 9.10 -15.83
N PHE A 72 9.10 8.26 -15.03
CA PHE A 72 9.78 7.60 -13.91
C PHE A 72 10.32 6.23 -14.31
N LEU A 73 11.57 5.94 -13.93
CA LEU A 73 12.20 4.65 -14.20
C LEU A 73 11.73 3.56 -13.22
N GLU A 74 11.33 2.40 -13.74
CA GLU A 74 10.84 1.29 -12.91
C GLU A 74 12.01 0.52 -12.29
N ILE A 75 12.03 0.44 -10.97
CA ILE A 75 13.08 -0.25 -10.24
C ILE A 75 12.52 -1.54 -9.65
N LYS A 76 13.33 -2.58 -9.59
CA LYS A 76 13.04 -3.79 -8.83
C LYS A 76 14.27 -4.17 -8.00
N SER A 77 14.25 -3.82 -6.72
CA SER A 77 15.42 -3.97 -5.86
C SER A 77 15.15 -5.04 -4.80
N PRO A 78 16.20 -5.48 -4.09
CA PRO A 78 16.02 -6.59 -3.16
C PRO A 78 14.98 -6.33 -2.10
N ILE A 79 14.22 -7.36 -1.76
CA ILE A 79 13.27 -7.31 -0.66
C ILE A 79 14.01 -7.65 0.64
N LEU A 80 14.94 -8.59 0.54
CA LEU A 80 15.85 -8.91 1.63
CA LEU A 80 15.84 -8.93 1.63
C LEU A 80 17.01 -7.94 1.65
N ILE A 81 17.04 -7.05 2.64
CA ILE A 81 18.06 -6.01 2.70
C ILE A 81 18.88 -6.12 3.99
N PRO A 82 20.08 -5.49 4.03
CA PRO A 82 20.87 -5.49 5.27
C PRO A 82 20.19 -4.74 6.40
N LEU A 83 20.26 -5.29 7.61
CA LEU A 83 19.77 -4.62 8.81
C LEU A 83 20.43 -3.26 8.98
N GLU A 84 21.68 -3.17 8.56
CA GLU A 84 22.44 -1.93 8.56
C GLU A 84 21.67 -0.79 7.86
N TYR A 85 21.07 -1.07 6.71
CA TYR A 85 20.27 -0.06 5.98
C TYR A 85 19.19 0.58 6.87
N ILE A 86 18.63 -0.20 7.78
CA ILE A 86 17.58 0.30 8.67
C ILE A 86 18.15 1.18 9.78
N GLU A 87 19.31 0.80 10.32
CA GLU A 87 20.04 1.67 11.23
C GLU A 87 20.29 3.01 10.54
N ARG A 88 20.81 2.95 9.31
CA ARG A 88 21.11 4.16 8.52
C ARG A 88 19.91 5.04 8.21
N MET A 89 18.71 4.48 8.23
CA MET A 89 17.49 5.29 8.11
C MET A 89 17.18 6.03 9.42
N GLY A 90 18.04 5.87 10.43
CA GLY A 90 17.85 6.52 11.72
C GLY A 90 16.91 5.75 12.63
N ILE A 91 17.13 4.44 12.70
CA ILE A 91 16.30 3.55 13.52
C ILE A 91 17.20 2.65 14.35
N ASP A 92 17.48 3.09 15.58
CA ASP A 92 18.33 2.37 16.52
C ASP A 92 17.55 1.21 17.15
N ASN A 93 18.28 0.23 17.71
CA ASN A 93 17.67 -0.89 18.44
C ASN A 93 16.70 -0.47 19.54
N ASP A 94 17.01 0.63 20.22
CA ASP A 94 16.19 1.15 21.31
C ASP A 94 14.87 1.75 20.83
N THR A 95 14.87 2.36 19.66
CA THR A 95 13.69 3.05 19.12
C THR A 95 12.52 2.10 18.82
N GLU A 96 11.34 2.68 18.62
CA GLU A 96 10.07 1.94 18.53
C GLU A 96 9.93 1.01 17.31
N LEU A 97 10.31 1.50 16.13
CA LEU A 97 10.09 0.79 14.86
C LEU A 97 11.00 -0.44 14.67
N SER A 98 12.10 -0.50 15.41
CA SER A 98 13.05 -1.63 15.30
C SER A 98 12.46 -2.95 15.79
N LYS A 99 11.47 -2.89 16.67
CA LYS A 99 10.75 -4.08 17.13
C LYS A 99 9.84 -4.62 16.04
N GLN A 100 9.39 -3.75 15.14
CA GLN A 100 8.53 -4.15 14.02
C GLN A 100 9.25 -4.90 12.89
N ILE A 101 10.58 -5.01 12.94
CA ILE A 101 11.37 -5.57 11.85
C ILE A 101 11.44 -7.09 11.89
N PHE A 102 11.11 -7.72 10.77
CA PHE A 102 11.30 -9.16 10.59
C PHE A 102 12.75 -9.43 10.21
N ARG A 103 13.51 -9.98 11.14
CA ARG A 103 14.92 -10.30 10.91
C ARG A 103 15.06 -11.71 10.37
N VAL A 104 16.09 -11.92 9.54
CA VAL A 104 16.26 -13.20 8.84
C VAL A 104 17.55 -13.89 9.28
N ASP A 105 18.67 -13.17 9.20
CA ASP A 105 19.91 -13.60 9.84
C ASP A 105 20.27 -12.50 10.83
N LYS A 106 21.50 -12.55 11.35
CA LYS A 106 22.07 -11.45 12.10
C LYS A 106 22.31 -10.24 11.20
N ASN A 107 22.49 -10.49 9.91
CA ASN A 107 22.83 -9.45 8.93
C ASN A 107 21.64 -8.81 8.21
N PHE A 108 20.64 -9.63 7.88
CA PHE A 108 19.58 -9.20 6.97
C PHE A 108 18.21 -9.12 7.61
N CYS A 109 17.30 -8.47 6.90
CA CYS A 109 15.91 -8.38 7.32
C CYS A 109 15.01 -8.25 6.08
N LEU A 110 13.72 -8.39 6.30
CA LEU A 110 12.72 -8.11 5.28
C LEU A 110 12.47 -6.62 5.30
N ARG A 111 12.60 -5.98 4.13
CA ARG A 111 12.53 -4.54 4.07
C ARG A 111 11.19 -4.06 4.61
N PRO A 112 11.21 -3.17 5.61
CA PRO A 112 9.99 -2.50 6.05
C PRO A 112 9.64 -1.32 5.14
N MET A 113 10.63 -0.88 4.37
CA MET A 113 10.48 0.23 3.46
C MET A 113 11.45 0.08 2.30
N VAL A 114 11.14 0.71 1.19
CA VAL A 114 11.99 0.69 0.00
C VAL A 114 12.98 1.87 -0.07
N ALA A 115 12.88 2.83 0.88
CA ALA A 115 13.70 4.06 0.84
C ALA A 115 15.18 3.81 0.67
N PRO A 116 15.76 2.95 1.51
CA PRO A 116 17.17 2.68 1.34
C PRO A 116 17.55 2.37 -0.10
N ASN A 117 16.79 1.50 -0.74
CA ASN A 117 17.12 1.08 -2.11
C ASN A 117 16.88 2.21 -3.10
N ILE A 118 15.86 3.02 -2.85
CA ILE A 118 15.56 4.17 -3.70
C ILE A 118 16.69 5.21 -3.62
N PHE A 119 17.17 5.49 -2.41
CA PHE A 119 18.26 6.46 -2.23
C PHE A 119 19.52 5.99 -2.93
N ASN A 120 19.86 4.71 -2.74
CA ASN A 120 21.03 4.12 -3.40
C ASN A 120 20.96 4.15 -4.92
N TYR A 121 19.79 3.84 -5.47
CA TYR A 121 19.61 3.92 -6.92
C TYR A 121 19.73 5.37 -7.40
N ALA A 122 19.14 6.31 -6.65
CA ALA A 122 19.23 7.73 -6.97
C ALA A 122 20.70 8.19 -7.06
N ARG A 123 21.46 7.92 -6.01
CA ARG A 123 22.87 8.25 -5.98
C ARG A 123 23.62 7.66 -7.17
N LYS A 124 23.43 6.36 -7.40
CA LYS A 124 24.17 5.69 -8.48
C LYS A 124 23.80 6.25 -9.85
N LEU A 125 22.50 6.38 -10.09
CA LEU A 125 21.99 6.78 -11.39
C LEU A 125 22.32 8.23 -11.71
N ASP A 126 22.54 9.05 -10.68
CA ASP A 126 22.90 10.44 -10.86
C ASP A 126 24.22 10.62 -11.64
N ARG A 127 25.04 9.59 -11.66
CA ARG A 127 26.28 9.59 -12.45
C ARG A 127 26.06 9.20 -13.91
N ALA A 128 24.86 8.74 -14.25
CA ALA A 128 24.55 8.31 -15.63
C ALA A 128 23.42 9.07 -16.31
N LEU A 129 22.45 9.57 -15.54
CA LEU A 129 21.21 10.07 -16.11
C LEU A 129 21.07 11.58 -16.00
N PRO A 130 20.40 12.19 -16.99
CA PRO A 130 20.21 13.64 -16.96
C PRO A 130 19.25 14.04 -15.85
N ASP A 131 19.44 15.24 -15.35
CA ASP A 131 18.57 15.83 -14.34
C ASP A 131 17.20 16.16 -14.94
N PRO A 132 16.12 15.95 -14.17
CA PRO A 132 16.08 15.34 -12.85
C PRO A 132 16.01 13.82 -12.89
N ILE A 133 16.37 13.20 -11.78
CA ILE A 133 16.33 11.75 -11.65
C ILE A 133 14.93 11.40 -11.15
N LYS A 134 14.22 10.58 -11.91
CA LYS A 134 12.87 10.17 -11.55
C LYS A 134 12.79 8.65 -11.55
N ILE A 135 12.52 8.06 -10.38
CA ILE A 135 12.46 6.61 -10.23
C ILE A 135 11.26 6.18 -9.37
N PHE A 136 10.80 4.96 -9.58
CA PHE A 136 9.76 4.39 -8.71
C PHE A 136 9.94 2.89 -8.56
N GLU A 137 9.44 2.37 -7.45
CA GLU A 137 9.39 0.96 -7.20
C GLU A 137 8.05 0.59 -6.61
N ILE A 138 7.55 -0.57 -7.01
CA ILE A 138 6.39 -1.18 -6.38
C ILE A 138 6.81 -2.58 -5.96
N GLY A 139 6.55 -2.92 -4.70
CA GLY A 139 6.82 -4.28 -4.23
C GLY A 139 6.53 -4.54 -2.77
N PRO A 140 6.77 -5.77 -2.31
CA PRO A 140 6.47 -6.18 -0.94
C PRO A 140 7.31 -5.45 0.10
N CYS A 141 6.67 -5.06 1.19
CA CYS A 141 7.34 -4.64 2.42
C CYS A 141 6.69 -5.36 3.61
N TYR A 142 7.43 -5.41 4.72
CA TYR A 142 7.04 -6.21 5.88
C TYR A 142 7.26 -5.49 7.21
N ARG A 143 6.23 -5.49 8.06
CA ARG A 143 6.32 -4.92 9.41
C ARG A 143 5.43 -5.73 10.36
N LYS A 144 6.00 -6.17 11.48
CA LYS A 144 5.21 -6.79 12.56
C LYS A 144 4.23 -5.77 13.13
N GLU A 145 2.95 -6.15 13.20
CA GLU A 145 1.89 -5.25 13.63
C GLU A 145 0.99 -5.93 14.66
N SER A 146 0.36 -5.12 15.50
CA SER A 146 -0.70 -5.59 16.42
C SER A 146 -2.09 -5.33 15.83
N ASP A 147 -2.22 -4.24 15.08
CA ASP A 147 -3.49 -3.88 14.44
C ASP A 147 -3.72 -4.73 13.20
N GLY A 148 -4.98 -5.09 12.96
CA GLY A 148 -5.36 -5.85 11.76
C GLY A 148 -6.54 -5.23 11.01
N LYS A 149 -6.81 -3.96 11.28
CA LYS A 149 -7.97 -3.26 10.72
C LYS A 149 -7.57 -2.41 9.51
N GLU A 150 -6.47 -1.67 9.66
CA GLU A 150 -5.85 -0.93 8.56
C GLU A 150 -4.38 -1.33 8.33
N HIS A 151 -3.89 -2.31 9.09
CA HIS A 151 -2.46 -2.66 9.08
C HIS A 151 -2.22 -4.14 8.80
N LEU A 152 -1.42 -4.40 7.77
CA LEU A 152 -1.00 -5.74 7.43
C LEU A 152 0.44 -5.91 7.85
N GLU A 153 0.85 -7.16 8.01
CA GLU A 153 2.24 -7.45 8.25
C GLU A 153 2.96 -7.61 6.94
N GLU A 154 2.26 -8.12 5.93
CA GLU A 154 2.78 -8.24 4.59
C GLU A 154 1.96 -7.31 3.68
N PHE A 155 2.61 -6.29 3.13
CA PHE A 155 1.92 -5.32 2.30
C PHE A 155 2.72 -4.96 1.05
N THR A 156 2.15 -4.11 0.22
CA THR A 156 2.75 -3.75 -1.05
C THR A 156 2.83 -2.23 -1.11
N MET A 157 4.05 -1.73 -1.29
CA MET A 157 4.30 -0.29 -1.34
C MET A 157 4.62 0.16 -2.74
N LEU A 158 3.99 1.26 -3.12
CA LEU A 158 4.47 2.11 -4.21
C LEU A 158 5.33 3.20 -3.62
N ASN A 159 6.54 3.37 -4.12
CA ASN A 159 7.34 4.56 -3.82
C ASN A 159 7.87 5.25 -5.07
N PHE A 160 7.54 6.53 -5.22
CA PHE A 160 8.14 7.34 -6.28
C PHE A 160 9.04 8.44 -5.70
N PHE A 161 9.98 8.90 -6.51
CA PHE A 161 11.07 9.72 -6.02
C PHE A 161 11.60 10.53 -7.18
N GLN A 162 11.76 11.84 -6.96
CA GLN A 162 12.43 12.71 -7.91
C GLN A 162 13.56 13.46 -7.21
N MET A 163 14.67 13.65 -7.92
CA MET A 163 15.85 14.33 -7.37
C MET A 163 16.46 15.29 -8.40
N GLY A 164 16.87 16.46 -7.91
CA GLY A 164 17.41 17.53 -8.78
C GLY A 164 16.41 18.66 -8.95
N SER A 165 16.17 19.05 -10.21
CA SER A 165 15.25 20.14 -10.54
CA SER A 165 15.25 20.15 -10.51
C SER A 165 13.81 19.71 -10.36
N GLY A 166 12.94 20.69 -10.11
CA GLY A 166 11.49 20.47 -10.02
C GLY A 166 11.02 19.83 -8.72
N CYS A 167 11.87 19.76 -7.71
CA CYS A 167 11.54 19.07 -6.47
C CYS A 167 10.90 20.01 -5.47
N THR A 168 9.68 20.44 -5.79
CA THR A 168 8.94 21.36 -4.96
C THR A 168 7.72 20.70 -4.36
N ARG A 169 7.23 21.26 -3.26
CA ARG A 169 5.97 20.84 -2.68
C ARG A 169 4.86 20.87 -3.71
N GLU A 170 4.82 21.93 -4.51
CA GLU A 170 3.78 22.08 -5.52
C GLU A 170 3.76 20.91 -6.51
N ASN A 171 4.93 20.58 -7.06
CA ASN A 171 5.04 19.45 -7.99
C ASN A 171 4.72 18.10 -7.32
N LEU A 172 5.12 17.94 -6.07
CA LEU A 172 4.81 16.73 -5.31
C LEU A 172 3.32 16.56 -5.16
N GLU A 173 2.62 17.66 -4.87
CA GLU A 173 1.17 17.63 -4.75
C GLU A 173 0.47 17.38 -6.10
N SER A 174 1.06 17.87 -7.18
CA SER A 174 0.48 17.68 -8.51
CA SER A 174 0.50 17.69 -8.53
C SER A 174 0.54 16.23 -8.95
N ILE A 175 1.66 15.58 -8.69
CA ILE A 175 1.84 14.18 -9.03
C ILE A 175 0.84 13.35 -8.24
N ILE A 176 0.78 13.62 -6.94
CA ILE A 176 -0.15 12.93 -6.06
C ILE A 176 -1.59 13.14 -6.52
N THR A 177 -1.92 14.38 -6.84
CA THR A 177 -3.27 14.71 -7.26
C THR A 177 -3.64 14.01 -8.56
N ASP A 178 -2.75 14.05 -9.54
CA ASP A 178 -3.01 13.36 -10.82
C ASP A 178 -3.10 11.84 -10.64
N PHE A 179 -2.25 11.30 -9.79
CA PHE A 179 -2.19 9.86 -9.53
C PHE A 179 -3.52 9.37 -8.96
N LEU A 180 -3.95 9.97 -7.85
CA LEU A 180 -5.20 9.58 -7.20
C LEU A 180 -6.46 9.89 -8.02
N ASN A 181 -6.48 10.97 -8.78
CA ASN A 181 -7.60 11.23 -9.69
C ASN A 181 -7.63 10.25 -10.84
N HIS A 182 -6.47 9.76 -11.24
CA HIS A 182 -6.35 8.73 -12.28
C HIS A 182 -6.93 7.39 -11.78
N LEU A 183 -6.62 7.03 -10.55
CA LEU A 183 -7.14 5.81 -9.94
C LEU A 183 -8.59 5.96 -9.51
N GLY A 184 -9.06 7.20 -9.36
CA GLY A 184 -10.43 7.45 -8.93
C GLY A 184 -10.60 7.26 -7.44
N ILE A 185 -9.63 7.74 -6.67
CA ILE A 185 -9.66 7.62 -5.21
C ILE A 185 -9.67 9.02 -4.59
N ASP A 186 -10.66 9.27 -3.74
CA ASP A 186 -10.85 10.59 -3.13
C ASP A 186 -9.83 10.80 -2.03
N PHE A 187 -9.40 12.04 -1.85
CA PHE A 187 -8.32 12.35 -0.92
C PHE A 187 -8.29 13.82 -0.52
N LYS A 188 -7.56 14.10 0.55
CA LYS A 188 -7.09 15.45 0.82
C LYS A 188 -5.67 15.41 1.37
N ILE A 189 -4.90 16.44 1.04
CA ILE A 189 -3.51 16.56 1.48
C ILE A 189 -3.46 17.49 2.67
N VAL A 190 -2.80 17.06 3.74
CA VAL A 190 -2.62 17.88 4.95
C VAL A 190 -1.18 17.85 5.42
N GLY A 191 -0.71 18.98 5.94
CA GLY A 191 0.67 19.08 6.46
C GLY A 191 0.75 18.72 7.94
N ASP A 192 1.24 17.51 8.22
CA ASP A 192 1.29 16.97 9.58
C ASP A 192 2.66 16.37 9.92
N SER A 193 2.83 16.04 11.20
CA SER A 193 4.11 15.52 11.71
C SER A 193 4.21 14.01 11.59
N CYS A 194 5.44 13.52 11.41
CA CYS A 194 5.75 12.08 11.36
C CYS A 194 7.27 11.92 11.47
N SER A 195 7.75 11.54 12.65
CA SER A 195 9.20 11.55 12.95
C SER A 195 10.00 10.34 12.41
N VAL A 196 9.45 9.64 11.43
CA VAL A 196 10.20 8.63 10.69
C VAL A 196 11.21 9.35 9.77
N TYR A 197 10.81 10.52 9.27
CA TYR A 197 11.66 11.36 8.41
C TYR A 197 11.76 12.80 8.95
N GLY A 198 10.62 13.48 9.09
CA GLY A 198 10.58 14.85 9.62
C GLY A 198 9.22 15.51 9.41
N ASP A 199 9.22 16.73 8.88
CA ASP A 199 7.98 17.36 8.42
C ASP A 199 7.51 16.64 7.16
N THR A 200 6.20 16.47 7.02
CA THR A 200 5.63 15.69 5.92
C THR A 200 4.31 16.27 5.42
N LEU A 201 3.86 15.71 4.30
CA LEU A 201 2.48 15.84 3.88
C LEU A 201 1.83 14.50 4.14
N ASP A 202 0.59 14.53 4.62
CA ASP A 202 -0.20 13.33 4.78
C ASP A 202 -1.34 13.37 3.80
N VAL A 203 -1.47 12.30 3.02
CA VAL A 203 -2.56 12.14 2.08
C VAL A 203 -3.60 11.23 2.72
N MET A 204 -4.76 11.80 3.02
CA MET A 204 -5.78 11.13 3.82
C MET A 204 -7.00 10.81 2.97
N HIS A 205 -7.61 9.66 3.27
CA HIS A 205 -8.95 9.35 2.85
C HIS A 205 -9.80 9.20 4.12
N GLY A 206 -10.40 10.30 4.55
CA GLY A 206 -11.07 10.37 5.84
C GLY A 206 -10.04 10.26 6.94
N ASP A 207 -10.18 9.25 7.79
CA ASP A 207 -9.23 9.01 8.88
CA ASP A 207 -9.25 8.99 8.88
C ASP A 207 -8.10 8.07 8.43
N LEU A 208 -8.21 7.52 7.23
CA LEU A 208 -7.19 6.61 6.69
C LEU A 208 -6.04 7.33 5.96
N GLU A 209 -4.81 7.08 6.41
CA GLU A 209 -3.61 7.57 5.73
C GLU A 209 -3.30 6.71 4.51
N LEU A 210 -3.35 7.32 3.33
CA LEU A 210 -2.95 6.63 2.10
C LEU A 210 -1.44 6.73 1.91
N SER A 211 -0.87 7.84 2.35
CA SER A 211 0.55 8.10 2.11
C SER A 211 1.12 9.09 3.10
N SER A 212 2.41 8.97 3.33
CA SER A 212 3.19 10.04 3.91
C SER A 212 4.20 10.44 2.84
N ALA A 213 4.30 11.74 2.60
CA ALA A 213 5.14 12.24 1.52
C ALA A 213 6.11 13.25 2.09
N VAL A 214 7.25 13.39 1.43
CA VAL A 214 8.34 14.23 1.91
C VAL A 214 8.90 15.13 0.82
N VAL A 215 9.17 16.38 1.20
CA VAL A 215 9.94 17.31 0.40
C VAL A 215 11.30 17.45 1.06
N GLY A 216 12.34 16.93 0.40
CA GLY A 216 13.71 17.11 0.83
C GLY A 216 14.24 18.48 0.42
N PRO A 217 15.52 18.77 0.74
CA PRO A 217 16.45 17.89 1.45
C PRO A 217 16.12 17.69 2.92
N ILE A 218 16.68 16.63 3.51
CA ILE A 218 16.61 16.39 4.95
C ILE A 218 18.01 15.97 5.42
N PRO A 219 18.29 16.09 6.74
CA PRO A 219 19.64 15.79 7.24
C PRO A 219 20.14 14.37 6.98
N LEU A 220 19.20 13.42 6.89
CA LEU A 220 19.53 12.02 6.61
C LEU A 220 20.23 11.80 5.26
N ASP A 221 19.98 12.67 4.29
CA ASP A 221 20.46 12.49 2.92
C ASP A 221 21.93 12.16 2.81
N ARG A 222 22.75 12.82 3.63
CA ARG A 222 24.21 12.68 3.56
C ARG A 222 24.67 11.26 3.88
N GLU A 223 23.94 10.57 4.76
CA GLU A 223 24.17 9.14 5.02
C GLU A 223 24.00 8.25 3.78
N TRP A 224 23.22 8.72 2.81
CA TRP A 224 22.98 8.00 1.56
C TRP A 224 23.71 8.60 0.37
N GLY A 225 24.58 9.58 0.62
CA GLY A 225 25.35 10.23 -0.44
C GLY A 225 24.50 11.09 -1.35
N ILE A 226 23.41 11.61 -0.83
CA ILE A 226 22.51 12.48 -1.57
C ILE A 226 22.69 13.92 -1.07
N ASP A 227 22.91 14.85 -2.00
CA ASP A 227 23.13 16.26 -1.68
CA ASP A 227 23.13 16.25 -1.69
C ASP A 227 22.42 17.14 -2.71
N LYS A 228 21.20 16.77 -3.08
CA LYS A 228 20.39 17.52 -4.02
C LYS A 228 18.97 17.63 -3.48
N PRO A 229 18.17 18.57 -4.00
CA PRO A 229 16.78 18.57 -3.58
C PRO A 229 16.06 17.30 -4.06
N TRP A 230 15.05 16.87 -3.31
CA TRP A 230 14.27 15.70 -3.71
C TRP A 230 12.86 15.73 -3.15
N ILE A 231 11.98 14.99 -3.83
CA ILE A 231 10.61 14.78 -3.38
C ILE A 231 10.25 13.31 -3.53
N GLY A 232 9.34 12.84 -2.71
CA GLY A 232 9.00 11.42 -2.71
C GLY A 232 7.78 11.12 -1.88
N ALA A 233 7.16 9.98 -2.17
CA ALA A 233 5.99 9.52 -1.43
C ALA A 233 5.82 8.02 -1.56
N GLY A 234 5.25 7.42 -0.51
CA GLY A 234 4.97 6.00 -0.46
C GLY A 234 3.49 5.77 -0.22
N PHE A 235 2.92 4.86 -1.02
CA PHE A 235 1.52 4.47 -0.90
C PHE A 235 1.41 2.95 -0.72
N GLY A 236 0.55 2.52 0.19
CA GLY A 236 0.20 1.11 0.32
C GLY A 236 -0.84 0.71 -0.70
N LEU A 237 -0.52 -0.27 -1.55
CA LEU A 237 -1.48 -0.70 -2.57
C LEU A 237 -2.75 -1.31 -1.97
N GLU A 238 -2.60 -2.07 -0.89
CA GLU A 238 -3.77 -2.68 -0.25
C GLU A 238 -4.72 -1.60 0.30
N ARG A 239 -4.17 -0.52 0.86
CA ARG A 239 -5.01 0.61 1.28
C ARG A 239 -5.78 1.24 0.13
N LEU A 240 -5.12 1.42 -1.01
CA LEU A 240 -5.79 1.96 -2.19
C LEU A 240 -6.91 1.03 -2.63
N LEU A 241 -6.64 -0.27 -2.67
CA LEU A 241 -7.67 -1.25 -3.01
C LEU A 241 -8.83 -1.21 -2.03
N LYS A 242 -8.52 -1.17 -0.74
CA LYS A 242 -9.55 -1.13 0.30
C LYS A 242 -10.48 0.06 0.09
N VAL A 243 -9.91 1.22 -0.19
CA VAL A 243 -10.70 2.43 -0.47
C VAL A 243 -11.45 2.30 -1.80
N LYS A 244 -10.76 1.91 -2.85
CA LYS A 244 -11.38 1.85 -4.18
C LYS A 244 -12.56 0.88 -4.24
N HIS A 245 -12.44 -0.28 -3.61
CA HIS A 245 -13.50 -1.30 -3.65
C HIS A 245 -14.39 -1.29 -2.41
N ASP A 246 -14.16 -0.37 -1.49
CA ASP A 246 -15.02 -0.19 -0.33
C ASP A 246 -15.05 -1.45 0.55
N PHE A 247 -13.89 -2.08 0.73
CA PHE A 247 -13.76 -3.22 1.61
C PHE A 247 -13.79 -2.74 3.06
N LYS A 248 -14.49 -3.48 3.93
CA LYS A 248 -14.59 -3.11 5.35
C LYS A 248 -13.29 -3.34 6.12
N ASN A 249 -12.56 -4.39 5.76
CA ASN A 249 -11.28 -4.73 6.37
CA ASN A 249 -11.26 -4.65 6.36
C ASN A 249 -10.18 -4.85 5.30
N ILE A 250 -8.99 -4.36 5.62
CA ILE A 250 -7.86 -4.38 4.68
C ILE A 250 -7.38 -5.78 4.30
N LYS A 251 -7.61 -6.77 5.16
CA LYS A 251 -7.24 -8.16 4.84
C LYS A 251 -7.88 -8.67 3.54
N ARG A 252 -9.02 -8.10 3.15
CA ARG A 252 -9.65 -8.44 1.87
C ARG A 252 -8.86 -8.02 0.62
N ALA A 253 -7.91 -7.11 0.80
CA ALA A 253 -7.08 -6.58 -0.30
C ALA A 253 -5.68 -7.17 -0.29
N ALA A 254 -5.38 -8.00 0.71
CA ALA A 254 -4.02 -8.47 0.90
C ALA A 254 -3.74 -9.75 0.13
N ARG A 255 -2.45 -10.04 -0.02
CA ARG A 255 -2.02 -11.38 -0.40
C ARG A 255 -2.63 -12.31 0.63
N SER A 256 -3.33 -13.34 0.17
CA SER A 256 -4.17 -14.14 1.07
C SER A 256 -4.58 -15.46 0.44
N GLU A 257 -4.84 -16.44 1.30
CA GLU A 257 -5.47 -17.70 0.90
C GLU A 257 -6.98 -17.69 1.21
N SER A 258 -7.44 -16.66 1.93
CA SER A 258 -8.82 -16.59 2.40
CA SER A 258 -8.82 -16.56 2.42
C SER A 258 -9.69 -15.64 1.57
N TYR A 259 -9.06 -14.75 0.81
CA TYR A 259 -9.79 -13.84 -0.07
C TYR A 259 -9.12 -13.73 -1.43
N TYR A 260 -9.92 -13.72 -2.48
CA TYR A 260 -9.47 -13.46 -3.83
C TYR A 260 -10.27 -12.30 -4.37
N ASN A 261 -9.59 -11.19 -4.69
CA ASN A 261 -10.26 -9.96 -5.11
C ASN A 261 -11.42 -9.60 -4.17
N GLY A 262 -11.18 -9.73 -2.86
CA GLY A 262 -12.16 -9.41 -1.83
C GLY A 262 -13.31 -10.39 -1.68
N ILE A 263 -13.21 -11.54 -2.35
CA ILE A 263 -14.24 -12.58 -2.27
C ILE A 263 -13.71 -13.76 -1.48
N SER A 264 -14.47 -14.19 -0.48
CA SER A 264 -14.07 -15.33 0.35
C SER A 264 -13.77 -16.52 -0.53
N THR A 265 -12.65 -17.18 -0.26
CA THR A 265 -12.35 -18.46 -0.88
C THR A 265 -12.84 -19.65 -0.03
N ASN A 266 -13.37 -19.37 1.16
CA ASN A 266 -13.92 -20.41 2.05
C ASN A 266 -15.41 -20.53 1.83
N LEU A 267 -15.76 -21.24 0.76
CA LEU A 267 -17.14 -21.37 0.32
C LEU A 267 -17.62 -22.80 0.50
PG ANP B . 0.50 4.25 9.73
O1G ANP B . 0.72 5.64 10.28
O2G ANP B . 0.72 3.14 10.74
O3G ANP B . -0.77 4.10 8.92
PB ANP B . 3.33 4.82 8.79
O1B ANP B . 3.11 6.30 8.61
O2B ANP B . 3.91 4.34 10.10
N3B ANP B . 1.79 4.03 8.56
PA ANP B . 4.95 5.22 6.46
O1A ANP B . 6.45 5.02 6.42
O2A ANP B . 4.39 6.62 6.56
O3A ANP B . 4.34 4.30 7.64
O5' ANP B . 4.33 4.51 5.16
C5' ANP B . 3.65 5.23 4.13
C4' ANP B . 2.46 4.41 3.62
O4' ANP B . 2.73 3.00 3.57
C3' ANP B . 1.25 4.51 4.50
O3' ANP B . 0.57 5.76 4.36
C2' ANP B . 0.45 3.32 4.02
O2' ANP B . -0.24 3.61 2.80
C1' ANP B . 1.52 2.27 3.78
N9 ANP B . 1.67 1.33 4.92
C8 ANP B . 2.57 1.45 5.93
N7 ANP B . 2.48 0.43 6.81
C5 ANP B . 1.50 -0.39 6.36
C6 ANP B . 0.90 -1.66 6.82
N6 ANP B . 1.34 -2.26 7.96
N1 ANP B . -0.10 -2.19 6.06
C2 ANP B . -0.54 -1.59 4.94
N3 ANP B . -0.03 -0.44 4.46
C4 ANP B . 0.97 0.20 5.11
C1 EDO C . -6.14 -9.64 -4.27
O1 EDO C . -6.60 -10.95 -3.91
C2 EDO C . -6.49 -8.63 -3.20
O2 EDO C . -7.91 -8.39 -3.14
C1 EDO D . -7.30 -2.59 -10.57
O1 EDO D . -7.08 -1.24 -10.19
C2 EDO D . -7.74 -3.37 -9.33
O2 EDO D . -8.88 -2.73 -8.74
C1 EDO E . -1.69 5.52 -17.54
O1 EDO E . -2.69 5.10 -18.47
C2 EDO E . -0.80 6.59 -18.18
O2 EDO E . -1.18 7.91 -17.74
C1 EDO F . -12.15 12.86 1.59
O1 EDO F . -12.07 11.44 1.52
C2 EDO F . -11.58 13.35 2.92
O2 EDO F . -10.31 12.72 3.14
C1 EDO G . 23.36 11.92 -5.61
O1 EDO G . 24.75 11.60 -5.54
C2 EDO G . 23.19 13.36 -5.15
O2 EDO G . 23.63 14.27 -6.16
C1 EDO H . 4.41 27.47 -10.92
O1 EDO H . 5.67 27.36 -10.24
C2 EDO H . 3.38 28.15 -10.01
O2 EDO H . 2.16 27.39 -9.92
OH ALY I . 11.83 8.82 -0.66
CH ALY I . 11.30 7.73 -0.68
CH3 ALY I . 10.47 7.30 -1.87
NZ ALY I . 11.42 6.90 0.35
CE ALY I . 10.79 5.60 0.36
CD ALY I . 10.28 5.21 1.74
CG ALY I . 9.61 3.87 1.60
CB ALY I . 8.57 3.65 2.68
CA ALY I . 8.05 2.24 2.50
N ALY I . 7.64 2.06 1.07
C ALY I . 6.96 1.93 3.47
O ALY I . 6.24 2.79 3.97
OXT ALY I . 6.76 0.77 3.82
#